data_4HV7
#
_entry.id   4HV7
#
_cell.length_a   68.196
_cell.length_b   68.196
_cell.length_c   140.844
_cell.angle_alpha   90.000
_cell.angle_beta   90.000
_cell.angle_gamma   90.000
#
_symmetry.space_group_name_H-M   'P 41 21 2'
#
loop_
_entity.id
_entity.type
_entity.pdbx_description
1 polymer Ricin
2 non-polymer '2-[2-[(2-azanyl-4-oxidanylidene-1H-pteridin-7-yl)carbonylamino]ethanoylamino]ethanoic acid'
3 non-polymer 'SULFATE ION'
4 non-polymer 'MALONIC ACID'
5 water water
#
_entity_poly.entity_id   1
_entity_poly.type   'polypeptide(L)'
_entity_poly.pdbx_seq_one_letter_code
;IFPKQYPIINFTTAGATVQSYTNFIRAVRGRLTTGADVRHEIPVLPNRVGLPINQRFILVELSNHAELSVTLALDVTNAY
VVGYRAGNSAYFFHPDNQEDAEAITHLFTDVQNRYTFAFGGNYDRLEQLAGNLRENIELGNGPLEEAISALYYYSTGGTQ
LPTLARSFIICIQMISEAARFQYIEGEMRTRIRYNRRSAPDPSVITLENSWGRLSTAIQESNQGAFASPIQLQRRNGSKF
SVYDVSILIPIIALMVYRCAPPPSSQF
;
_entity_poly.pdbx_strand_id   X
#
loop_
_chem_comp.id
_chem_comp.type
_chem_comp.name
_chem_comp.formula
19J peptide-like '2-[2-[(2-azanyl-4-oxidanylidene-1H-pteridin-7-yl)carbonylamino]ethanoylamino]ethanoic acid' 'C11 H11 N7 O5'
MLA non-polymer 'MALONIC ACID' 'C3 H4 O4'
SO4 non-polymer 'SULFATE ION' 'O4 S -2'
#
# COMPACT_ATOMS: atom_id res chain seq x y z
N GLN A 5 -5.65 -5.91 19.56
CA GLN A 5 -5.04 -7.20 19.27
C GLN A 5 -4.20 -7.20 17.99
N TYR A 6 -4.69 -6.53 16.94
CA TYR A 6 -3.90 -6.36 15.72
C TYR A 6 -2.71 -5.42 16.01
N PRO A 7 -1.53 -5.72 15.45
CA PRO A 7 -0.34 -4.90 15.64
C PRO A 7 -0.52 -3.48 15.09
N ILE A 8 0.07 -2.52 15.77
CA ILE A 8 0.00 -1.12 15.37
C ILE A 8 1.40 -0.63 15.04
N ILE A 9 1.55 0.02 13.89
CA ILE A 9 2.80 0.69 13.56
C ILE A 9 2.56 2.19 13.51
N ASN A 10 3.36 2.95 14.26
CA ASN A 10 3.21 4.41 14.30
C ASN A 10 4.13 5.13 13.30
N PHE A 11 3.62 6.18 12.68
CA PHE A 11 4.46 7.10 11.92
C PHE A 11 3.92 8.51 12.06
N THR A 12 4.82 9.48 12.15
CA THR A 12 4.40 10.88 12.09
C THR A 12 5.13 11.65 11.02
N THR A 13 4.39 12.51 10.33
CA THR A 13 4.99 13.39 9.35
C THR A 13 5.71 14.54 10.03
N ALA A 14 5.39 14.81 11.29
CA ALA A 14 6.05 15.93 11.99
C ALA A 14 7.55 15.66 12.20
N GLY A 15 8.40 16.47 11.58
CA GLY A 15 9.84 16.29 11.69
C GLY A 15 10.36 15.00 11.02
N ALA A 16 9.57 14.43 10.12
CA ALA A 16 9.96 13.17 9.47
C ALA A 16 11.30 13.29 8.75
N THR A 17 12.08 12.22 8.77
CA THR A 17 13.34 12.17 8.05
C THR A 17 13.37 10.90 7.21
N VAL A 18 14.36 10.80 6.34
CA VAL A 18 14.57 9.56 5.61
C VAL A 18 14.63 8.38 6.57
N GLN A 19 15.39 8.53 7.65
CA GLN A 19 15.52 7.42 8.60
C GLN A 19 14.21 7.05 9.32
N SER A 20 13.44 8.04 9.77
CA SER A 20 12.21 7.72 10.49
C SER A 20 11.19 7.06 9.54
N TYR A 21 11.17 7.51 8.29
CA TYR A 21 10.33 6.93 7.26
C TYR A 21 10.76 5.51 6.91
N THR A 22 12.06 5.29 6.75
CA THR A 22 12.59 3.95 6.49
C THR A 22 12.26 3.00 7.63
N ASN A 23 12.42 3.46 8.88
CA ASN A 23 12.08 2.63 10.05
C ASN A 23 10.63 2.21 9.97
N PHE A 24 9.76 3.15 9.60
CA PHE A 24 8.33 2.93 9.48
C PHE A 24 8.04 1.85 8.43
N ILE A 25 8.54 2.05 7.22
CA ILE A 25 8.24 1.12 6.12
C ILE A 25 8.77 -0.28 6.44
N ARG A 26 9.97 -0.34 7.00
CA ARG A 26 10.55 -1.63 7.40
C ARG A 26 9.63 -2.32 8.43
N ALA A 27 9.16 -1.57 9.42
CA ALA A 27 8.24 -2.15 10.41
C ALA A 27 6.93 -2.63 9.78
N VAL A 28 6.40 -1.87 8.83
CA VAL A 28 5.21 -2.32 8.12
C VAL A 28 5.44 -3.67 7.41
N ARG A 29 6.53 -3.77 6.64
CA ARG A 29 6.86 -5.01 5.95
C ARG A 29 6.98 -6.17 6.95
N GLY A 30 7.61 -5.89 8.09
CA GLY A 30 7.79 -6.87 9.14
C GLY A 30 6.49 -7.45 9.69
N ARG A 31 5.43 -6.63 9.74
CA ARG A 31 4.13 -7.10 10.22
C ARG A 31 3.27 -7.70 9.12
N LEU A 32 3.57 -7.37 7.86
CA LEU A 32 2.83 -7.93 6.73
C LEU A 32 3.24 -9.36 6.39
N THR A 33 4.55 -9.62 6.41
CA THR A 33 5.08 -10.95 6.07
C THR A 33 5.50 -11.72 7.32
N THR A 34 5.46 -13.05 7.22
CA THR A 34 5.78 -13.90 8.36
C THR A 34 7.15 -14.56 8.27
N GLY A 35 7.74 -14.53 7.08
CA GLY A 35 9.01 -15.20 6.83
C GLY A 35 8.84 -16.67 6.45
N ALA A 36 7.61 -17.14 6.45
CA ALA A 36 7.32 -18.51 6.05
C ALA A 36 7.41 -18.73 4.55
N ASP A 37 7.39 -17.65 3.77
CA ASP A 37 7.26 -17.80 2.33
C ASP A 37 8.14 -16.78 1.62
N VAL A 38 9.26 -17.26 1.09
CA VAL A 38 10.15 -16.41 0.33
C VAL A 38 10.52 -17.15 -0.94
N ARG A 39 10.41 -16.47 -2.08
CA ARG A 39 10.72 -17.09 -3.36
C ARG A 39 11.65 -16.19 -4.17
N HIS A 40 12.80 -16.74 -4.54
CA HIS A 40 13.83 -15.97 -5.22
C HIS A 40 14.26 -14.79 -4.38
N GLU A 41 14.28 -15.00 -3.06
CA GLU A 41 14.73 -13.98 -2.16
C GLU A 41 13.66 -12.91 -1.95
N ILE A 42 12.50 -13.07 -2.61
CA ILE A 42 11.41 -12.10 -2.45
C ILE A 42 10.26 -12.66 -1.59
N PRO A 43 10.00 -12.01 -0.45
CA PRO A 43 8.96 -12.47 0.48
C PRO A 43 7.58 -12.43 -0.15
N VAL A 44 6.74 -13.37 0.24
CA VAL A 44 5.35 -13.44 -0.22
C VAL A 44 4.44 -13.19 0.97
N LEU A 45 3.37 -12.46 0.73
CA LEU A 45 2.37 -12.21 1.77
C LEU A 45 1.59 -13.48 2.06
N PRO A 46 0.97 -13.56 3.24
CA PRO A 46 0.17 -14.70 3.68
C PRO A 46 -0.92 -15.06 2.67
N ASN A 47 -1.10 -16.36 2.44
CA ASN A 47 -2.23 -16.86 1.69
C ASN A 47 -3.52 -16.51 2.40
N ARG A 48 -4.44 -15.88 1.70
CA ARG A 48 -5.76 -15.56 2.23
C ARG A 48 -6.51 -16.83 2.69
N VAL A 49 -6.31 -17.92 1.96
CA VAL A 49 -6.99 -19.18 2.24
C VAL A 49 -6.53 -19.82 3.56
N GLY A 50 -7.46 -19.97 4.51
CA GLY A 50 -7.12 -20.53 5.80
C GLY A 50 -6.47 -19.56 6.78
N LEU A 51 -6.39 -18.28 6.40
CA LEU A 51 -5.79 -17.29 7.30
C LEU A 51 -6.79 -16.93 8.40
N PRO A 52 -6.39 -17.13 9.67
CA PRO A 52 -7.29 -16.83 10.79
C PRO A 52 -7.56 -15.33 10.91
N ILE A 53 -8.80 -14.96 11.25
CA ILE A 53 -9.19 -13.56 11.33
C ILE A 53 -8.28 -12.77 12.26
N ASN A 54 -7.71 -13.42 13.27
CA ASN A 54 -6.92 -12.70 14.28
C ASN A 54 -5.55 -12.28 13.73
N GLN A 55 -5.23 -12.76 12.53
CA GLN A 55 -3.95 -12.47 11.91
C GLN A 55 -4.14 -11.71 10.60
N ARG A 56 -5.34 -11.18 10.37
CA ARG A 56 -5.73 -10.71 9.04
C ARG A 56 -5.32 -9.27 8.72
N PHE A 57 -5.27 -8.41 9.75
CA PHE A 57 -5.06 -6.99 9.55
C PHE A 57 -3.88 -6.46 10.37
N ILE A 58 -3.38 -5.31 9.95
CA ILE A 58 -2.44 -4.55 10.76
C ILE A 58 -2.91 -3.11 10.73
N LEU A 59 -2.49 -2.33 11.72
CA LEU A 59 -2.96 -0.96 11.85
C LEU A 59 -1.80 0.01 11.73
N VAL A 60 -2.00 1.07 10.96
CA VAL A 60 -0.99 2.09 10.79
C VAL A 60 -1.53 3.39 11.38
N GLU A 61 -0.92 3.83 12.47
CA GLU A 61 -1.36 5.05 13.14
C GLU A 61 -0.54 6.24 12.66
N LEU A 62 -1.20 7.13 11.92
CA LEU A 62 -0.54 8.30 11.34
C LEU A 62 -0.86 9.54 12.16
N SER A 63 0.18 10.28 12.54
CA SER A 63 0.02 11.55 13.22
C SER A 63 0.76 12.63 12.42
N ASN A 64 0.38 13.89 12.59
CA ASN A 64 1.04 14.97 11.87
C ASN A 64 1.41 16.17 12.76
N HIS A 65 2.05 17.18 12.17
CA HIS A 65 2.46 18.38 12.91
C HIS A 65 1.26 19.13 13.48
N ALA A 66 0.13 19.02 12.81
CA ALA A 66 -1.10 19.66 13.30
C ALA A 66 -1.67 18.91 14.52
N GLU A 67 -0.95 17.91 15.01
CA GLU A 67 -1.38 17.17 16.20
C GLU A 67 -2.66 16.36 16.00
N LEU A 68 -2.91 15.97 14.76
CA LEU A 68 -4.06 15.12 14.47
C LEU A 68 -3.54 13.71 14.20
N SER A 69 -4.43 12.73 14.39
CA SER A 69 -4.06 11.33 14.17
C SER A 69 -5.19 10.54 13.50
N VAL A 70 -4.84 9.67 12.56
CA VAL A 70 -5.81 8.74 11.97
C VAL A 70 -5.17 7.35 11.95
N THR A 71 -5.99 6.31 11.92
CA THR A 71 -5.48 4.94 11.93
C THR A 71 -5.97 4.15 10.72
N LEU A 72 -5.06 3.79 9.83
CA LEU A 72 -5.40 3.02 8.64
C LEU A 72 -5.40 1.54 8.96
N ALA A 73 -6.30 0.79 8.34
CA ALA A 73 -6.26 -0.66 8.46
C ALA A 73 -5.80 -1.25 7.14
N LEU A 74 -4.73 -2.05 7.19
CA LEU A 74 -4.25 -2.77 6.02
C LEU A 74 -4.51 -4.28 6.13
N ASP A 75 -4.94 -4.85 5.01
CA ASP A 75 -5.14 -6.30 4.87
C ASP A 75 -3.77 -6.95 4.60
N VAL A 76 -3.35 -7.89 5.45
CA VAL A 76 -2.02 -8.49 5.26
C VAL A 76 -1.92 -9.33 3.99
N THR A 77 -3.04 -9.78 3.44
CA THR A 77 -2.98 -10.62 2.23
C THR A 77 -2.55 -9.84 0.99
N ASN A 78 -2.76 -8.52 0.98
CA ASN A 78 -2.39 -7.72 -0.19
C ASN A 78 -1.86 -6.32 0.12
N ALA A 79 -1.73 -6.01 1.41
CA ALA A 79 -1.24 -4.69 1.87
C ALA A 79 -2.23 -3.56 1.56
N TYR A 80 -3.46 -3.95 1.21
N TYR A 80 -3.45 -3.94 1.15
CA TYR A 80 -4.51 -3.03 0.79
CA TYR A 80 -4.47 -2.97 0.76
C TYR A 80 -5.05 -2.21 1.96
C TYR A 80 -5.01 -2.21 1.96
N VAL A 81 -5.19 -0.91 1.78
CA VAL A 81 -5.81 -0.07 2.80
C VAL A 81 -7.32 -0.29 2.69
N VAL A 82 -7.93 -0.90 3.71
CA VAL A 82 -9.37 -1.24 3.62
C VAL A 82 -10.30 -0.25 4.30
N GLY A 83 -9.73 0.66 5.10
CA GLY A 83 -10.54 1.64 5.82
C GLY A 83 -9.69 2.40 6.81
N TYR A 84 -10.33 3.26 7.60
CA TYR A 84 -9.58 4.02 8.60
C TYR A 84 -10.47 4.50 9.75
N ARG A 85 -9.84 4.81 10.87
CA ARG A 85 -10.53 5.42 12.00
C ARG A 85 -10.02 6.84 12.23
N ALA A 86 -10.95 7.76 12.47
CA ALA A 86 -10.60 9.08 12.99
C ALA A 86 -11.52 9.34 14.17
N GLY A 87 -10.95 9.38 15.36
CA GLY A 87 -11.73 9.59 16.56
C GLY A 87 -12.87 8.59 16.68
N ASN A 88 -14.10 9.11 16.66
CA ASN A 88 -15.28 8.31 16.93
C ASN A 88 -15.99 7.75 15.70
N SER A 89 -15.33 7.84 14.54
CA SER A 89 -15.91 7.34 13.30
C SER A 89 -14.92 6.45 12.55
N ALA A 90 -15.43 5.38 11.95
CA ALA A 90 -14.61 4.57 11.05
C ALA A 90 -15.28 4.46 9.69
N TYR A 91 -14.47 4.42 8.64
CA TYR A 91 -14.95 4.37 7.27
C TYR A 91 -14.28 3.22 6.53
N PHE A 92 -15.07 2.40 5.85
CA PHE A 92 -14.51 1.26 5.10
C PHE A 92 -14.89 1.32 3.64
N PHE A 93 -13.96 1.01 2.75
CA PHE A 93 -14.30 0.92 1.34
C PHE A 93 -15.29 -0.21 1.09
N HIS A 94 -16.04 -0.10 0.01
CA HIS A 94 -17.00 -1.13 -0.41
C HIS A 94 -16.30 -2.48 -0.62
N PRO A 95 -16.59 -3.46 0.23
CA PRO A 95 -15.90 -4.77 0.12
C PRO A 95 -16.11 -5.46 -1.21
N ASP A 96 -15.10 -6.23 -1.63
CA ASP A 96 -15.14 -6.97 -2.89
C ASP A 96 -16.05 -8.19 -2.80
N ASN A 97 -16.34 -8.64 -1.58
CA ASN A 97 -17.05 -9.89 -1.40
C ASN A 97 -17.50 -10.11 0.04
N GLN A 98 -18.37 -11.09 0.23
CA GLN A 98 -18.99 -11.34 1.52
C GLN A 98 -17.97 -11.64 2.62
N GLU A 99 -16.94 -12.41 2.30
CA GLU A 99 -15.96 -12.77 3.30
C GLU A 99 -15.18 -11.53 3.78
N ASP A 100 -14.81 -10.66 2.85
CA ASP A 100 -14.17 -9.40 3.23
C ASP A 100 -15.06 -8.52 4.10
N ALA A 101 -16.36 -8.49 3.78
CA ALA A 101 -17.32 -7.70 4.58
C ALA A 101 -17.36 -8.19 6.02
N GLU A 102 -17.39 -9.50 6.22
CA GLU A 102 -17.39 -10.03 7.58
C GLU A 102 -16.07 -9.70 8.28
N ALA A 103 -14.97 -9.84 7.54
CA ALA A 103 -13.64 -9.60 8.10
C ALA A 103 -13.51 -8.20 8.70
N ILE A 104 -13.96 -7.19 7.96
CA ILE A 104 -13.80 -5.80 8.41
C ILE A 104 -14.65 -5.47 9.64
N THR A 105 -15.62 -6.32 9.99
CA THR A 105 -16.37 -6.12 11.22
C THR A 105 -15.48 -6.37 12.44
N HIS A 106 -14.28 -6.91 12.20
CA HIS A 106 -13.35 -7.19 13.30
C HIS A 106 -12.42 -6.01 13.56
N LEU A 107 -12.63 -4.94 12.80
CA LEU A 107 -11.79 -3.76 12.90
C LEU A 107 -12.51 -2.61 13.62
N PHE A 108 -11.79 -1.94 14.51
CA PHE A 108 -12.34 -0.75 15.14
C PHE A 108 -13.71 -1.07 15.71
N THR A 109 -13.76 -2.09 16.57
CA THR A 109 -15.03 -2.65 17.00
C THR A 109 -15.85 -1.74 17.94
N ASP A 110 -15.16 -0.90 18.70
CA ASP A 110 -15.84 -0.03 19.66
C ASP A 110 -16.08 1.39 19.12
N VAL A 111 -15.64 1.65 17.89
CA VAL A 111 -15.91 2.93 17.27
C VAL A 111 -17.43 3.12 17.26
N GLN A 112 -17.92 4.31 17.59
CA GLN A 112 -19.37 4.46 17.73
C GLN A 112 -20.10 4.74 16.42
N ASN A 113 -19.37 5.23 15.42
CA ASN A 113 -19.93 5.41 14.09
C ASN A 113 -19.16 4.63 13.03
N ARG A 114 -19.82 3.66 12.42
CA ARG A 114 -19.20 2.83 11.39
C ARG A 114 -19.90 3.06 10.05
N TYR A 115 -19.12 3.40 9.02
CA TYR A 115 -19.67 3.63 7.71
C TYR A 115 -18.95 2.79 6.69
N THR A 116 -19.69 2.25 5.73
CA THR A 116 -19.08 1.61 4.59
C THR A 116 -19.38 2.45 3.36
N PHE A 117 -18.33 2.97 2.73
CA PHE A 117 -18.48 3.73 1.50
C PHE A 117 -19.21 2.87 0.49
N ALA A 118 -19.95 3.52 -0.40
CA ALA A 118 -20.69 2.83 -1.43
C ALA A 118 -19.78 2.53 -2.61
N PHE A 119 -18.54 3.00 -2.53
CA PHE A 119 -17.57 2.80 -3.61
C PHE A 119 -16.37 1.99 -3.11
N GLY A 120 -15.68 1.34 -4.03
CA GLY A 120 -14.48 0.58 -3.69
C GLY A 120 -13.25 1.46 -3.57
N GLY A 121 -12.12 0.90 -3.16
CA GLY A 121 -10.93 1.68 -2.89
C GLY A 121 -9.80 1.57 -3.91
N ASN A 122 -10.06 0.96 -5.06
CA ASN A 122 -9.04 0.84 -6.10
C ASN A 122 -8.67 2.20 -6.69
N TYR A 123 -7.47 2.31 -7.25
CA TYR A 123 -7.01 3.59 -7.81
C TYR A 123 -8.03 4.14 -8.82
N ASP A 124 -8.52 3.29 -9.71
CA ASP A 124 -9.40 3.77 -10.77
C ASP A 124 -10.58 4.54 -10.19
N ARG A 125 -11.23 3.96 -9.19
CA ARG A 125 -12.38 4.58 -8.54
C ARG A 125 -11.98 5.84 -7.77
N LEU A 126 -10.86 5.79 -7.05
CA LEU A 126 -10.44 6.94 -6.26
C LEU A 126 -10.05 8.12 -7.15
N GLU A 127 -9.41 7.83 -8.27
CA GLU A 127 -9.02 8.86 -9.23
C GLU A 127 -10.24 9.56 -9.84
N GLN A 128 -11.28 8.79 -10.14
CA GLN A 128 -12.55 9.35 -10.60
C GLN A 128 -13.13 10.33 -9.58
N LEU A 129 -13.20 9.90 -8.33
CA LEU A 129 -13.75 10.75 -7.28
C LEU A 129 -12.88 11.97 -7.01
N ALA A 130 -11.57 11.79 -7.10
CA ALA A 130 -10.62 12.87 -6.83
C ALA A 130 -10.60 13.94 -7.92
N GLY A 131 -11.04 13.57 -9.11
CA GLY A 131 -10.94 14.45 -10.27
C GLY A 131 -9.50 14.62 -10.74
N ASN A 132 -8.62 13.70 -10.32
CA ASN A 132 -7.22 13.72 -10.72
C ASN A 132 -6.64 12.31 -10.81
N LEU A 133 -5.69 12.10 -11.71
CA LEU A 133 -5.01 10.82 -11.78
C LEU A 133 -3.81 10.85 -10.84
N ARG A 134 -3.28 9.67 -10.53
CA ARG A 134 -2.07 9.56 -9.73
C ARG A 134 -0.96 10.44 -10.31
N GLU A 135 -0.85 10.45 -11.62
CA GLU A 135 0.27 11.16 -12.26
C GLU A 135 0.21 12.67 -12.03
N ASN A 136 -0.93 13.14 -11.56
CA ASN A 136 -1.13 14.57 -11.29
C ASN A 136 -1.30 14.90 -9.82
N ILE A 137 -1.02 13.93 -8.95
CA ILE A 137 -1.17 14.13 -7.52
C ILE A 137 0.18 14.11 -6.82
N GLU A 138 0.60 15.22 -6.24
CA GLU A 138 1.93 15.30 -5.62
C GLU A 138 2.05 14.44 -4.38
N LEU A 139 3.19 13.78 -4.23
CA LEU A 139 3.48 12.93 -3.08
C LEU A 139 4.64 13.49 -2.29
N GLY A 140 4.72 13.14 -1.01
CA GLY A 140 5.84 13.57 -0.18
C GLY A 140 5.33 13.86 1.22
N ASN A 141 6.17 14.44 2.06
CA ASN A 141 5.82 14.60 3.45
C ASN A 141 4.71 15.65 3.63
N GLY A 142 4.77 16.70 2.80
CA GLY A 142 3.74 17.72 2.82
C GLY A 142 2.36 17.16 2.47
N PRO A 143 2.24 16.50 1.30
CA PRO A 143 1.00 15.84 0.92
C PRO A 143 0.49 14.88 1.99
N LEU A 144 1.37 14.13 2.61
CA LEU A 144 0.94 13.18 3.65
C LEU A 144 0.47 13.91 4.91
N GLU A 145 1.17 14.97 5.28
CA GLU A 145 0.74 15.79 6.41
C GLU A 145 -0.68 16.32 6.14
N GLU A 146 -0.90 16.82 4.93
CA GLU A 146 -2.22 17.32 4.51
C GLU A 146 -3.29 16.24 4.40
N ALA A 147 -2.92 15.07 3.87
CA ALA A 147 -3.84 13.94 3.79
C ALA A 147 -4.34 13.52 5.16
N ILE A 148 -3.45 13.52 6.15
CA ILE A 148 -3.84 13.07 7.48
C ILE A 148 -4.90 14.04 8.07
N SER A 149 -4.67 15.33 7.91
CA SER A 149 -5.65 16.32 8.34
C SER A 149 -6.98 16.13 7.59
N ALA A 150 -6.90 15.96 6.28
CA ALA A 150 -8.09 15.77 5.48
C ALA A 150 -8.92 14.57 5.94
N LEU A 151 -8.26 13.44 6.20
CA LEU A 151 -8.98 12.24 6.67
C LEU A 151 -9.58 12.46 8.04
N TYR A 152 -8.88 13.21 8.88
CA TYR A 152 -9.33 13.47 10.22
C TYR A 152 -10.62 14.32 10.23
N TYR A 153 -10.75 15.28 9.32
CA TYR A 153 -11.90 16.20 9.33
C TYR A 153 -13.07 15.74 8.47
N TYR A 154 -13.00 14.53 7.92
CA TYR A 154 -14.06 14.09 7.00
C TYR A 154 -15.46 14.01 7.62
N SER A 155 -15.55 13.51 8.84
CA SER A 155 -16.83 13.23 9.45
C SER A 155 -17.65 14.49 9.71
N THR A 156 -16.97 15.63 9.75
CA THR A 156 -17.61 16.88 10.14
C THR A 156 -17.97 17.75 8.93
N GLY A 157 -17.73 17.22 7.74
CA GLY A 157 -18.07 17.93 6.51
C GLY A 157 -16.99 18.87 6.02
N GLY A 158 -15.91 18.99 6.80
CA GLY A 158 -14.84 19.90 6.45
C GLY A 158 -14.05 19.47 5.24
N THR A 159 -14.07 18.16 4.99
CA THR A 159 -13.35 17.60 3.85
C THR A 159 -14.29 17.15 2.73
N GLN A 160 -14.12 17.73 1.55
CA GLN A 160 -14.94 17.37 0.40
C GLN A 160 -14.52 16.00 -0.13
N LEU A 161 -15.46 15.31 -0.76
CA LEU A 161 -15.21 13.96 -1.27
C LEU A 161 -13.96 13.87 -2.14
N PRO A 162 -13.81 14.81 -3.09
CA PRO A 162 -12.64 14.81 -3.96
C PRO A 162 -11.33 14.83 -3.17
N THR A 163 -11.28 15.66 -2.12
CA THR A 163 -10.10 15.80 -1.29
C THR A 163 -9.86 14.57 -0.43
N LEU A 164 -10.94 13.95 0.04
CA LEU A 164 -10.83 12.67 0.73
C LEU A 164 -10.18 11.61 -0.17
N ALA A 165 -10.66 11.49 -1.40
CA ALA A 165 -10.14 10.48 -2.32
C ALA A 165 -8.68 10.75 -2.68
N ARG A 166 -8.38 12.03 -2.89
CA ARG A 166 -7.01 12.43 -3.18
C ARG A 166 -6.11 12.02 -2.03
N SER A 167 -6.62 12.18 -0.81
CA SER A 167 -5.85 11.90 0.40
C SER A 167 -5.62 10.40 0.55
N PHE A 168 -6.62 9.60 0.19
CA PHE A 168 -6.45 8.15 0.16
C PHE A 168 -5.33 7.79 -0.82
N ILE A 169 -5.38 8.37 -2.01
CA ILE A 169 -4.40 8.08 -3.05
C ILE A 169 -2.97 8.36 -2.57
N ILE A 170 -2.81 9.45 -1.82
CA ILE A 170 -1.53 9.77 -1.20
C ILE A 170 -1.09 8.74 -0.14
N CYS A 171 -1.96 8.43 0.83
CA CYS A 171 -1.64 7.46 1.87
C CYS A 171 -1.29 6.08 1.30
N ILE A 172 -2.10 5.59 0.37
CA ILE A 172 -1.89 4.26 -0.20
C ILE A 172 -0.51 4.16 -0.83
N GLN A 173 -0.10 5.18 -1.58
CA GLN A 173 1.19 5.08 -2.28
C GLN A 173 2.37 5.23 -1.33
N MET A 174 2.24 6.08 -0.32
CA MET A 174 3.35 6.34 0.57
C MET A 174 3.52 5.26 1.64
N ILE A 175 2.50 4.41 1.76
CA ILE A 175 2.51 3.35 2.76
C ILE A 175 2.45 1.96 2.11
N SER A 176 1.31 1.62 1.50
CA SER A 176 1.19 0.31 0.85
C SER A 176 2.16 0.10 -0.31
N GLU A 177 2.24 1.06 -1.24
CA GLU A 177 3.12 0.86 -2.40
C GLU A 177 4.60 0.89 -1.99
N ALA A 178 4.93 1.76 -1.03
CA ALA A 178 6.28 1.82 -0.49
C ALA A 178 6.66 0.49 0.18
N ALA A 179 5.71 -0.11 0.89
CA ALA A 179 5.97 -1.41 1.51
C ALA A 179 6.19 -2.49 0.45
N ARG A 180 5.38 -2.45 -0.63
CA ARG A 180 5.49 -3.45 -1.71
C ARG A 180 6.81 -3.35 -2.51
N PHE A 181 7.30 -2.13 -2.72
CA PHE A 181 8.42 -1.89 -3.62
C PHE A 181 9.51 -1.04 -2.97
N GLN A 182 10.71 -1.60 -2.77
CA GLN A 182 11.83 -0.78 -2.33
C GLN A 182 12.03 0.41 -3.24
N TYR A 183 11.78 0.23 -4.54
CA TYR A 183 11.92 1.34 -5.47
C TYR A 183 11.05 2.54 -5.07
N ILE A 184 9.80 2.24 -4.70
CA ILE A 184 8.85 3.30 -4.38
C ILE A 184 9.17 3.91 -3.02
N GLU A 185 9.52 3.07 -2.04
CA GLU A 185 10.07 3.57 -0.79
C GLU A 185 11.20 4.58 -1.06
N GLY A 186 12.10 4.21 -1.96
CA GLY A 186 13.23 5.05 -2.31
C GLY A 186 12.77 6.39 -2.87
N GLU A 187 11.77 6.35 -3.73
CA GLU A 187 11.20 7.59 -4.29
C GLU A 187 10.65 8.50 -3.20
N MET A 188 9.96 7.91 -2.23
CA MET A 188 9.41 8.73 -1.15
C MET A 188 10.54 9.26 -0.25
N ARG A 189 11.58 8.45 -0.01
CA ARG A 189 12.75 8.94 0.74
C ARG A 189 13.30 10.22 0.13
N THR A 190 13.47 10.21 -1.18
CA THR A 190 14.02 11.37 -1.87
C THR A 190 13.19 12.63 -1.59
N ARG A 191 11.87 12.49 -1.71
CA ARG A 191 10.97 13.62 -1.50
C ARG A 191 11.03 14.11 -0.05
N ILE A 192 11.13 13.17 0.87
CA ILE A 192 11.23 13.51 2.29
C ILE A 192 12.58 14.17 2.58
N ARG A 193 13.66 13.61 2.04
CA ARG A 193 14.99 14.16 2.28
C ARG A 193 15.10 15.64 1.93
N TYR A 194 14.55 16.04 0.78
CA TYR A 194 14.69 17.43 0.30
C TYR A 194 13.46 18.30 0.62
N ASN A 195 12.48 17.68 1.28
CA ASN A 195 11.20 18.32 1.57
C ASN A 195 10.61 18.98 0.33
N ARG A 196 10.60 18.23 -0.77
CA ARG A 196 10.10 18.71 -2.04
C ARG A 196 9.09 17.71 -2.60
N ARG A 197 7.81 18.05 -2.51
CA ARG A 197 6.75 17.17 -3.01
C ARG A 197 6.78 17.09 -4.53
N SER A 198 6.33 15.96 -5.08
CA SER A 198 6.19 15.84 -6.52
C SER A 198 5.42 14.58 -6.89
N ALA A 199 4.74 14.65 -8.03
CA ALA A 199 3.94 13.55 -8.52
C ALA A 199 4.81 12.38 -8.95
N PRO A 200 4.26 11.17 -8.87
CA PRO A 200 5.02 9.97 -9.27
C PRO A 200 5.24 9.91 -10.78
N ASP A 201 6.47 9.62 -11.21
CA ASP A 201 6.76 9.52 -12.64
C ASP A 201 6.36 8.12 -13.14
N PRO A 202 6.51 7.87 -14.46
CA PRO A 202 6.07 6.59 -15.00
C PRO A 202 6.72 5.36 -14.38
N SER A 203 7.95 5.45 -13.87
CA SER A 203 8.57 4.28 -13.26
C SER A 203 7.77 3.84 -12.03
N VAL A 204 7.27 4.81 -11.27
CA VAL A 204 6.42 4.51 -10.12
C VAL A 204 5.07 3.97 -10.57
N ILE A 205 4.40 4.70 -11.48
CA ILE A 205 3.07 4.31 -11.92
C ILE A 205 3.00 2.90 -12.52
N THR A 206 3.96 2.57 -13.37
N THR A 206 3.96 2.57 -13.38
CA THR A 206 3.94 1.28 -14.03
CA THR A 206 3.93 1.26 -14.04
C THR A 206 4.20 0.13 -13.06
C THR A 206 4.20 0.11 -13.06
N LEU A 207 5.08 0.36 -12.09
CA LEU A 207 5.31 -0.64 -11.04
C LEU A 207 4.02 -0.86 -10.26
N GLU A 208 3.36 0.24 -9.85
CA GLU A 208 2.11 0.15 -9.09
C GLU A 208 1.09 -0.68 -9.87
N ASN A 209 0.92 -0.34 -11.14
CA ASN A 209 -0.05 -1.04 -11.98
C ASN A 209 0.29 -2.51 -12.23
N SER A 210 1.57 -2.86 -12.14
CA SER A 210 2.03 -4.20 -12.54
C SER A 210 2.27 -5.14 -11.37
N TRP A 211 2.04 -4.69 -10.14
CA TRP A 211 2.36 -5.49 -8.95
C TRP A 211 1.75 -6.90 -9.03
N GLY A 212 0.47 -6.99 -9.34
CA GLY A 212 -0.19 -8.29 -9.43
C GLY A 212 0.43 -9.18 -10.50
N ARG A 213 0.68 -8.61 -11.68
CA ARG A 213 1.25 -9.41 -12.78
C ARG A 213 2.72 -9.82 -12.52
N LEU A 214 3.49 -8.93 -11.92
CA LEU A 214 4.86 -9.26 -11.53
C LEU A 214 4.88 -10.38 -10.50
N SER A 215 3.96 -10.31 -9.53
CA SER A 215 3.86 -11.36 -8.52
C SER A 215 3.57 -12.71 -9.18
N THR A 216 2.65 -12.71 -10.13
CA THR A 216 2.27 -13.96 -10.78
C THR A 216 3.41 -14.46 -11.66
N ALA A 217 4.02 -13.56 -12.44
CA ALA A 217 5.10 -13.96 -13.34
C ALA A 217 6.26 -14.60 -12.57
N ILE A 218 6.62 -14.03 -11.43
CA ILE A 218 7.71 -14.56 -10.61
C ILE A 218 7.37 -15.94 -10.06
N GLN A 219 6.17 -16.08 -9.52
CA GLN A 219 5.78 -17.32 -8.87
C GLN A 219 5.56 -18.45 -9.86
N GLU A 220 5.19 -18.08 -11.09
CA GLU A 220 5.02 -19.04 -12.19
C GLU A 220 6.29 -19.27 -13.01
N SER A 221 7.35 -18.51 -12.73
CA SER A 221 8.55 -18.53 -13.56
C SER A 221 9.21 -19.91 -13.61
N ASN A 222 10.00 -20.16 -14.65
CA ASN A 222 10.82 -21.35 -14.67
C ASN A 222 12.21 -20.98 -14.13
N GLN A 223 12.44 -21.30 -12.87
CA GLN A 223 13.72 -21.01 -12.23
C GLN A 223 14.03 -19.52 -12.29
N GLY A 224 12.99 -18.70 -12.29
CA GLY A 224 13.17 -17.27 -12.32
C GLY A 224 12.93 -16.63 -13.68
N ALA A 225 12.94 -17.44 -14.74
CA ALA A 225 12.74 -16.93 -16.10
C ALA A 225 11.25 -16.80 -16.43
N PHE A 226 10.82 -15.59 -16.83
CA PHE A 226 9.42 -15.36 -17.23
C PHE A 226 9.09 -16.04 -18.56
N ALA A 227 7.93 -16.66 -18.66
CA ALA A 227 7.46 -17.20 -19.94
C ALA A 227 7.18 -16.07 -20.92
N SER A 228 6.65 -14.97 -20.39
CA SER A 228 6.27 -13.81 -21.19
C SER A 228 6.83 -12.57 -20.50
N PRO A 229 7.69 -11.81 -21.18
CA PRO A 229 8.24 -10.61 -20.56
C PRO A 229 7.17 -9.59 -20.19
N ILE A 230 7.44 -8.80 -19.16
CA ILE A 230 6.53 -7.72 -18.75
C ILE A 230 7.18 -6.39 -19.06
N GLN A 231 6.42 -5.47 -19.64
CA GLN A 231 6.96 -4.18 -20.02
C GLN A 231 6.67 -3.17 -18.91
N LEU A 232 7.72 -2.51 -18.43
CA LEU A 232 7.55 -1.41 -17.47
C LEU A 232 8.02 -0.12 -18.15
N GLN A 233 8.00 0.99 -17.42
CA GLN A 233 8.54 2.22 -17.97
C GLN A 233 9.61 2.78 -17.04
N ARG A 234 10.64 3.36 -17.63
CA ARG A 234 11.65 4.08 -16.86
C ARG A 234 11.12 5.47 -16.58
N ARG A 235 11.87 6.23 -15.80
CA ARG A 235 11.51 7.61 -15.45
C ARG A 235 11.08 8.46 -16.64
N ASN A 236 11.88 8.44 -17.69
CA ASN A 236 11.56 9.25 -18.86
C ASN A 236 10.43 8.68 -19.70
N GLY A 237 9.82 7.60 -19.24
CA GLY A 237 8.68 7.02 -19.92
C GLY A 237 9.04 5.99 -21.00
N SER A 238 10.33 5.77 -21.22
CA SER A 238 10.75 4.77 -22.19
C SER A 238 10.53 3.34 -21.68
N LYS A 239 10.36 2.41 -22.61
CA LYS A 239 10.09 1.00 -22.30
C LYS A 239 11.26 0.29 -21.64
N PHE A 240 10.96 -0.59 -20.69
CA PHE A 240 11.96 -1.42 -20.03
C PHE A 240 11.37 -2.82 -19.89
N SER A 241 11.97 -3.79 -20.55
CA SER A 241 11.44 -5.15 -20.51
C SER A 241 12.01 -5.94 -19.33
N VAL A 242 11.12 -6.64 -18.62
CA VAL A 242 11.52 -7.51 -17.54
C VAL A 242 11.38 -8.96 -18.01
N TYR A 243 12.49 -9.71 -17.98
CA TYR A 243 12.51 -11.09 -18.47
C TYR A 243 12.70 -12.10 -17.34
N ASP A 244 13.02 -11.61 -16.14
CA ASP A 244 13.55 -12.48 -15.09
C ASP A 244 13.36 -11.83 -13.74
N VAL A 245 13.21 -12.65 -12.70
CA VAL A 245 13.04 -12.14 -11.35
C VAL A 245 14.30 -11.39 -10.86
N SER A 246 15.46 -11.72 -11.44
CA SER A 246 16.74 -11.22 -10.90
C SER A 246 16.78 -9.69 -10.88
N ILE A 247 16.30 -9.09 -11.97
CA ILE A 247 16.30 -7.64 -12.14
C ILE A 247 15.34 -6.95 -11.16
N LEU A 248 14.46 -7.72 -10.54
CA LEU A 248 13.45 -7.15 -9.63
C LEU A 248 13.84 -7.26 -8.15
N ILE A 249 14.90 -7.99 -7.86
CA ILE A 249 15.29 -8.18 -6.46
C ILE A 249 15.50 -6.86 -5.70
N PRO A 250 16.15 -5.87 -6.34
CA PRO A 250 16.33 -4.54 -5.71
C PRO A 250 15.06 -3.68 -5.74
N ILE A 251 14.01 -4.15 -6.43
CA ILE A 251 12.87 -3.29 -6.77
C ILE A 251 11.59 -3.64 -6.03
N ILE A 252 11.26 -4.92 -5.98
CA ILE A 252 10.04 -5.38 -5.33
C ILE A 252 10.35 -6.04 -3.99
N ALA A 253 9.65 -5.62 -2.94
CA ALA A 253 9.91 -6.10 -1.58
C ALA A 253 8.99 -7.22 -1.10
N LEU A 254 7.78 -7.27 -1.63
CA LEU A 254 6.74 -8.18 -1.17
C LEU A 254 5.90 -8.56 -2.37
N MET A 255 5.46 -9.80 -2.46
CA MET A 255 4.54 -10.20 -3.53
C MET A 255 3.22 -10.68 -2.94
N VAL A 256 2.15 -10.55 -3.71
CA VAL A 256 0.89 -11.15 -3.33
C VAL A 256 0.93 -12.64 -3.62
N TYR A 257 0.35 -13.44 -2.72
CA TYR A 257 0.38 -14.90 -2.86
C TYR A 257 -0.51 -15.34 -4.02
N ARG A 258 0.07 -16.03 -5.01
CA ARG A 258 -0.71 -16.52 -6.17
C ARG A 258 -0.79 -18.03 -6.23
N CYS A 259 0.37 -18.69 -6.19
CA CYS A 259 0.46 -20.15 -6.20
C CYS A 259 1.24 -20.61 -4.98
N ALA A 260 1.07 -21.87 -4.60
CA ALA A 260 2.02 -22.51 -3.71
C ALA A 260 3.32 -22.64 -4.50
N PRO A 261 4.46 -22.65 -3.81
CA PRO A 261 5.76 -22.84 -4.46
C PRO A 261 5.95 -24.28 -4.85
N PRO A 262 6.18 -24.57 -6.13
CA PRO A 262 6.44 -25.95 -6.53
C PRO A 262 7.65 -26.52 -5.81
N PRO A 263 7.78 -27.86 -5.79
CA PRO A 263 8.95 -28.51 -5.21
C PRO A 263 10.23 -27.98 -5.83
N SER A 264 11.31 -27.87 -5.05
CA SER A 264 12.57 -27.30 -5.55
C SER A 264 13.74 -28.29 -5.51
N SER A 265 14.16 -28.75 -6.68
CA SER A 265 15.19 -29.79 -6.81
C SER A 265 16.62 -29.25 -6.99
N GLN A 266 17.61 -30.02 -6.55
CA GLN A 266 19.00 -29.57 -6.57
C GLN A 266 19.83 -30.20 -7.70
N PHE A 267 19.16 -30.54 -8.80
CA PHE A 267 19.85 -31.15 -9.95
C PHE A 267 20.43 -32.51 -9.58
C1 19J B . -6.34 0.63 -1.68
N1 19J B . -7.36 1.08 -0.92
O1 19J B . -3.09 -0.67 -1.17
C2 19J B . -4.13 -0.28 -1.74
N2 19J B . -5.20 0.18 -1.05
C3 19J B . -4.24 -0.32 -3.20
N3 19J B . -6.48 0.61 -3.02
O2 19J B . -5.77 0.08 -7.88
C4 19J B . -5.49 0.15 -3.81
N4 19J B . -5.60 0.12 -5.14
C5 19J B . -4.58 -0.35 -5.90
N5 19J B . -3.23 -0.78 -3.98
C6 19J B . -3.41 -0.79 -5.31
C7 19J B . -4.78 -0.40 -7.38
N6 19J B . -3.91 -1.08 -8.12
C8 19J B . -4.11 -1.32 -9.53
C9 19J B . -5.19 -2.34 -9.86
O3 19J B . -5.62 -2.43 -11.00
N7 19J B . -5.65 -3.13 -8.88
C10 19J B . -6.51 -4.26 -9.16
C11 19J B . -5.75 -5.44 -9.72
O5 19J B . -5.74 -6.51 -9.11
O4 19J B . -5.09 -5.36 -10.88
S SO4 C . 3.22 26.17 12.21
O1 SO4 C . 3.46 25.29 11.04
O2 SO4 C . 3.39 25.40 13.44
O3 SO4 C . 4.17 27.28 12.22
O4 SO4 C . 1.85 26.69 12.16
C1 MLA D . 7.20 21.22 -0.58
O1A MLA D . 6.63 20.03 -0.44
O1B MLA D . 7.65 21.55 -1.67
C2 MLA D . 7.28 22.13 0.61
C3 MLA D . 5.95 22.01 1.33
O3A MLA D . 4.91 22.16 0.69
O3B MLA D . 5.88 21.72 2.62
H1A MLA D . 6.59 19.59 -1.30
HC21 MLA D . 8.08 21.83 1.28
HC22 MLA D . 7.44 23.16 0.29
H3B MLA D . 6.77 21.55 2.97
#